data_5LEA
#
_entry.id   5LEA
#
_cell.length_a   62.410
_cell.length_b   46.400
_cell.length_c   63.080
_cell.angle_alpha   90.00
_cell.angle_beta   111.10
_cell.angle_gamma   90.00
#
_symmetry.space_group_name_H-M   'P 1 21 1'
#
loop_
_entity.id
_entity.type
_entity.pdbx_description
1 polymer DD_Off7_12_3G124
2 non-polymer (4S)-2-METHYL-2,4-PENTANEDIOL
3 water water
#
_entity_poly.entity_id   1
_entity_poly.type   'polypeptide(L)'
_entity_poly.pdbx_seq_one_letter_code
;MRGSHHHHHHGSDLGKKLLEAARAGQDDEVRILMANGADVNAADNTGTTPLHLAAYSGHLEIVEVLLKHGADVDASDVFG
YTPLHLAAYWGHLEIVEVLLKNGADVNAMDSDGMTPLHLAAKWGYLEIVEVLLKHGAAVGAQDKFGKTPKDLARDNGNQW
IYELLEKAEKDLRRKLLEAARAGHREEVEKLIKLGADVNAADDVGVTPLHLAAQRGHLEIVEVLLKCGADVNAADLWGQT
PLHLAATAGHLEIVEVLLKNGADVNARDNIGHTPLHLAAWAGHLEIVEVLLKHGADVNAQDKFGKTPFDLAIDNGNEDIA
EVLQKAA
;
_entity_poly.pdbx_strand_id   A
#
loop_
_chem_comp.id
_chem_comp.type
_chem_comp.name
_chem_comp.formula
MPD non-polymer (4S)-2-METHYL-2,4-PENTANEDIOL 'C6 H14 O2'
#
# COMPACT_ATOMS: atom_id res chain seq x y z
N SER A 12 16.44 -12.98 -37.40
CA SER A 12 16.77 -11.82 -38.22
C SER A 12 18.25 -11.46 -38.10
N ASP A 13 18.89 -11.25 -39.25
CA ASP A 13 20.32 -10.97 -39.27
C ASP A 13 20.62 -9.60 -38.64
N LEU A 14 19.93 -8.55 -39.11
CA LEU A 14 20.18 -7.21 -38.59
C LEU A 14 19.79 -7.10 -37.12
N GLY A 15 18.78 -7.86 -36.68
CA GLY A 15 18.39 -7.81 -35.28
C GLY A 15 19.49 -8.26 -34.35
N LYS A 16 20.05 -9.45 -34.59
CA LYS A 16 21.11 -9.95 -33.72
C LYS A 16 22.31 -9.01 -33.71
N LYS A 17 22.63 -8.42 -34.87
CA LYS A 17 23.75 -7.48 -34.92
C LYS A 17 23.46 -6.23 -34.10
N LEU A 18 22.20 -5.76 -34.11
CA LEU A 18 21.85 -4.61 -33.28
C LEU A 18 21.93 -4.95 -31.80
N LEU A 19 21.41 -6.11 -31.39
CA LEU A 19 21.55 -6.57 -30.02
C LEU A 19 23.02 -6.61 -29.62
N GLU A 20 23.85 -7.22 -30.46
CA GLU A 20 25.27 -7.33 -30.15
C GLU A 20 25.94 -5.96 -30.13
N ALA A 21 25.50 -5.03 -30.97
CA ALA A 21 26.12 -3.71 -30.99
C ALA A 21 25.76 -2.92 -29.74
N ALA A 22 24.52 -3.03 -29.27
CA ALA A 22 24.12 -2.33 -28.06
C ALA A 22 24.86 -2.85 -26.84
N ARG A 23 25.07 -4.16 -26.76
CA ARG A 23 25.78 -4.74 -25.63
C ARG A 23 27.25 -4.32 -25.62
N ALA A 24 27.90 -4.35 -26.79
CA ALA A 24 29.31 -4.01 -26.86
C ALA A 24 29.58 -2.54 -26.61
N GLY A 25 28.56 -1.69 -26.78
CA GLY A 25 28.77 -0.26 -26.63
C GLY A 25 29.33 0.40 -27.88
N GLN A 26 28.84 0.02 -29.06
CA GLN A 26 29.32 0.56 -30.33
C GLN A 26 28.23 1.45 -30.91
N ASP A 27 28.25 2.73 -30.51
CA ASP A 27 27.21 3.66 -30.93
C ASP A 27 27.13 3.78 -32.45
N ASP A 28 28.28 3.87 -33.12
CA ASP A 28 28.27 4.01 -34.57
C ASP A 28 27.56 2.84 -35.24
N GLU A 29 27.93 1.62 -34.86
CA GLU A 29 27.27 0.45 -35.43
C GLU A 29 25.78 0.46 -35.13
N VAL A 30 25.41 0.89 -33.92
CA VAL A 30 23.99 0.98 -33.55
C VAL A 30 23.26 1.92 -34.49
N ARG A 31 23.85 3.09 -34.74
CA ARG A 31 23.23 4.05 -35.64
C ARG A 31 23.18 3.50 -37.07
N ILE A 32 24.26 2.86 -37.53
CA ILE A 32 24.31 2.38 -38.90
C ILE A 32 23.29 1.25 -39.12
N LEU A 33 23.21 0.32 -38.17
CA LEU A 33 22.27 -0.78 -38.31
C LEU A 33 20.83 -0.28 -38.35
N MET A 34 20.49 0.67 -37.46
CA MET A 34 19.14 1.21 -37.48
C MET A 34 18.89 2.02 -38.73
N ALA A 35 19.92 2.73 -39.22
CA ALA A 35 19.79 3.43 -40.49
C ALA A 35 19.50 2.48 -41.64
N ASN A 36 19.89 1.21 -41.51
CA ASN A 36 19.71 0.22 -42.56
C ASN A 36 18.53 -0.72 -42.30
N GLY A 37 17.62 -0.34 -41.41
CA GLY A 37 16.37 -1.05 -41.23
C GLY A 37 16.32 -2.02 -40.07
N ALA A 38 17.31 -2.02 -39.18
CA ALA A 38 17.26 -2.90 -38.03
C ALA A 38 16.18 -2.45 -37.06
N ASP A 39 15.32 -3.38 -36.65
CA ASP A 39 14.22 -3.05 -35.75
C ASP A 39 14.76 -2.63 -34.38
N VAL A 40 14.35 -1.45 -33.92
CA VAL A 40 14.83 -0.95 -32.64
C VAL A 40 14.35 -1.83 -31.50
N ASN A 41 13.23 -2.54 -31.69
CA ASN A 41 12.68 -3.43 -30.68
C ASN A 41 12.83 -4.90 -31.08
N ALA A 42 13.89 -5.22 -31.81
CA ALA A 42 14.17 -6.60 -32.15
C ALA A 42 14.19 -7.45 -30.88
N ALA A 43 13.67 -8.66 -30.99
CA ALA A 43 13.50 -9.54 -29.84
C ALA A 43 14.43 -10.75 -29.96
N ASP A 44 15.15 -11.04 -28.88
CA ASP A 44 15.96 -12.24 -28.79
C ASP A 44 15.06 -13.46 -28.63
N ASN A 45 15.68 -14.65 -28.58
CA ASN A 45 14.91 -15.85 -28.31
C ASN A 45 14.35 -15.85 -26.89
N THR A 46 15.02 -15.15 -25.97
CA THR A 46 14.56 -15.02 -24.60
C THR A 46 13.75 -13.75 -24.38
N GLY A 47 13.56 -12.93 -25.40
CA GLY A 47 12.83 -11.69 -25.25
C GLY A 47 13.69 -10.47 -24.99
N THR A 48 15.02 -10.62 -25.04
CA THR A 48 15.90 -9.48 -24.82
C THR A 48 15.88 -8.54 -26.02
N THR A 49 15.83 -7.24 -25.74
CA THR A 49 15.87 -6.18 -26.73
C THR A 49 17.18 -5.41 -26.62
N PRO A 50 17.55 -4.62 -27.63
CA PRO A 50 18.80 -3.85 -27.51
C PRO A 50 18.78 -2.89 -26.35
N LEU A 51 17.62 -2.33 -26.01
CA LEU A 51 17.54 -1.48 -24.82
C LEU A 51 17.90 -2.25 -23.55
N HIS A 52 17.40 -3.49 -23.42
CA HIS A 52 17.82 -4.35 -22.31
C HIS A 52 19.34 -4.41 -22.20
N LEU A 53 20.01 -4.67 -23.31
CA LEU A 53 21.45 -4.90 -23.30
C LEU A 53 22.24 -3.61 -23.12
N ALA A 54 21.74 -2.49 -23.65
CA ALA A 54 22.40 -1.21 -23.41
C ALA A 54 22.25 -0.78 -21.96
N ALA A 55 21.05 -0.95 -21.39
CA ALA A 55 20.86 -0.63 -19.97
C ALA A 55 21.65 -1.58 -19.08
N TYR A 56 21.72 -2.85 -19.46
CA TYR A 56 22.51 -3.81 -18.70
C TYR A 56 23.99 -3.44 -18.72
N SER A 57 24.50 -3.05 -19.89
CA SER A 57 25.93 -2.80 -20.05
C SER A 57 26.36 -1.43 -19.55
N GLY A 58 25.42 -0.53 -19.30
CA GLY A 58 25.78 0.80 -18.84
C GLY A 58 26.15 1.76 -19.94
N HIS A 59 25.51 1.68 -21.09
CA HIS A 59 25.82 2.52 -22.25
C HIS A 59 24.73 3.57 -22.37
N LEU A 60 24.91 4.67 -21.64
CA LEU A 60 23.90 5.72 -21.60
C LEU A 60 23.62 6.27 -22.98
N GLU A 61 24.65 6.49 -23.79
CA GLU A 61 24.46 7.09 -25.11
C GLU A 61 23.57 6.21 -25.97
N ILE A 62 23.84 4.90 -25.99
CA ILE A 62 23.02 3.99 -26.77
C ILE A 62 21.60 3.98 -26.24
N VAL A 63 21.44 3.94 -24.92
CA VAL A 63 20.10 3.95 -24.32
C VAL A 63 19.30 5.11 -24.88
N GLU A 64 19.86 6.32 -24.81
CA GLU A 64 19.15 7.49 -25.30
C GLU A 64 18.86 7.38 -26.80
N VAL A 65 19.84 6.91 -27.58
CA VAL A 65 19.65 6.75 -29.02
C VAL A 65 18.47 5.83 -29.31
N LEU A 66 18.44 4.67 -28.63
CA LEU A 66 17.40 3.69 -28.92
C LEU A 66 16.02 4.23 -28.55
N LEU A 67 15.92 4.91 -27.40
CA LEU A 67 14.64 5.47 -27.00
C LEU A 67 14.16 6.52 -27.99
N LYS A 68 15.07 7.34 -28.51
CA LYS A 68 14.69 8.33 -29.51
C LYS A 68 14.05 7.67 -30.73
N HIS A 69 14.56 6.51 -31.13
CA HIS A 69 14.05 5.81 -32.31
C HIS A 69 12.89 4.87 -31.99
N GLY A 70 12.31 4.98 -30.80
CA GLY A 70 11.13 4.22 -30.46
C GLY A 70 11.36 2.94 -29.69
N ALA A 71 12.43 2.83 -28.92
CA ALA A 71 12.65 1.64 -28.10
C ALA A 71 11.60 1.56 -27.01
N ASP A 72 11.00 0.38 -26.87
CA ASP A 72 10.00 0.15 -25.82
C ASP A 72 10.68 0.23 -24.45
N VAL A 73 10.34 1.26 -23.68
CA VAL A 73 10.98 1.45 -22.38
C VAL A 73 10.55 0.36 -21.39
N ASP A 74 9.38 -0.26 -21.60
CA ASP A 74 8.88 -1.26 -20.67
C ASP A 74 8.79 -2.63 -21.32
N ALA A 75 9.86 -3.06 -21.99
CA ALA A 75 9.91 -4.39 -22.58
C ALA A 75 10.36 -5.39 -21.54
N SER A 76 9.69 -6.54 -21.50
CA SER A 76 9.98 -7.59 -20.54
C SER A 76 10.35 -8.87 -21.29
N ASP A 77 11.42 -9.52 -20.84
CA ASP A 77 11.88 -10.76 -21.45
C ASP A 77 11.16 -11.93 -20.78
N VAL A 78 11.62 -13.15 -21.05
CA VAL A 78 10.93 -14.34 -20.55
C VAL A 78 10.91 -14.37 -19.03
N PHE A 79 11.97 -13.88 -18.39
CA PHE A 79 12.04 -13.84 -16.93
C PHE A 79 11.31 -12.63 -16.34
N GLY A 80 10.81 -11.73 -17.18
CA GLY A 80 10.08 -10.57 -16.71
C GLY A 80 10.91 -9.34 -16.43
N TYR A 81 12.22 -9.38 -16.66
CA TYR A 81 13.07 -8.23 -16.41
C TYR A 81 12.86 -7.16 -17.48
N THR A 82 12.84 -5.91 -17.05
CA THR A 82 12.78 -4.75 -17.92
C THR A 82 14.12 -4.03 -17.93
N PRO A 83 14.33 -3.10 -18.85
CA PRO A 83 15.57 -2.32 -18.83
C PRO A 83 15.84 -1.69 -17.48
N LEU A 84 14.80 -1.26 -16.76
CA LEU A 84 15.01 -0.68 -15.44
C LEU A 84 15.53 -1.71 -14.45
N HIS A 85 14.96 -2.92 -14.46
CA HIS A 85 15.51 -4.01 -13.65
C HIS A 85 17.01 -4.16 -13.87
N LEU A 86 17.44 -4.16 -15.14
CA LEU A 86 18.84 -4.40 -15.44
C LEU A 86 19.70 -3.22 -15.05
N ALA A 87 19.24 -1.99 -15.31
CA ALA A 87 19.98 -0.81 -14.91
C ALA A 87 20.17 -0.79 -13.39
N ALA A 88 19.13 -1.13 -12.64
CA ALA A 88 19.25 -1.21 -11.19
C ALA A 88 20.12 -2.40 -10.78
N TYR A 89 19.99 -3.52 -11.49
CA TYR A 89 20.77 -4.71 -11.16
C TYR A 89 22.26 -4.44 -11.17
N TRP A 90 22.72 -3.59 -12.09
CA TRP A 90 24.14 -3.27 -12.18
C TRP A 90 24.49 -1.88 -11.67
N GLY A 91 23.53 -1.14 -11.14
CA GLY A 91 23.83 0.11 -10.48
C GLY A 91 24.11 1.27 -11.42
N HIS A 92 23.30 1.42 -12.48
CA HIS A 92 23.53 2.45 -13.49
C HIS A 92 22.57 3.61 -13.23
N LEU A 93 22.99 4.49 -12.32
CA LEU A 93 22.12 5.58 -11.89
C LEU A 93 21.65 6.40 -13.09
N GLU A 94 22.60 6.91 -13.88
CA GLU A 94 22.25 7.78 -14.99
C GLU A 94 21.21 7.13 -15.90
N ILE A 95 21.37 5.82 -16.17
CA ILE A 95 20.41 5.13 -17.02
C ILE A 95 19.05 5.00 -16.33
N VAL A 96 19.06 4.67 -15.04
CA VAL A 96 17.81 4.59 -14.27
C VAL A 96 17.01 5.88 -14.46
N GLU A 97 17.66 7.02 -14.26
CA GLU A 97 16.96 8.30 -14.38
C GLU A 97 16.40 8.49 -15.78
N VAL A 98 17.20 8.21 -16.80
CA VAL A 98 16.75 8.40 -18.18
C VAL A 98 15.57 7.48 -18.48
N LEU A 99 15.63 6.23 -18.02
CA LEU A 99 14.51 5.33 -18.25
C LEU A 99 13.24 5.81 -17.54
N LEU A 100 13.39 6.43 -16.36
CA LEU A 100 12.23 6.98 -15.67
C LEU A 100 11.68 8.20 -16.39
N LYS A 101 12.56 9.09 -16.86
CA LYS A 101 12.11 10.23 -17.66
C LYS A 101 11.29 9.79 -18.84
N ASN A 102 11.55 8.60 -19.38
CA ASN A 102 10.88 8.11 -20.59
C ASN A 102 9.71 7.19 -20.26
N GLY A 103 9.21 7.23 -19.02
CA GLY A 103 7.97 6.56 -18.69
C GLY A 103 8.09 5.13 -18.25
N ALA A 104 9.25 4.71 -17.76
CA ALA A 104 9.42 3.35 -17.27
C ALA A 104 8.58 3.12 -16.02
N ASP A 105 7.99 1.93 -15.92
CA ASP A 105 7.21 1.56 -14.75
C ASP A 105 8.14 1.30 -13.57
N VAL A 106 8.14 2.22 -12.60
CA VAL A 106 9.05 2.10 -11.46
C VAL A 106 8.77 0.84 -10.65
N ASN A 107 7.56 0.28 -10.74
CA ASN A 107 7.15 -0.85 -9.93
C ASN A 107 6.82 -2.05 -10.79
N ALA A 108 7.66 -2.34 -11.78
CA ALA A 108 7.50 -3.54 -12.60
C ALA A 108 8.05 -4.74 -11.84
N MET A 109 7.37 -5.88 -11.97
CA MET A 109 7.74 -7.10 -11.27
C MET A 109 8.19 -8.15 -12.28
N ASP A 110 9.33 -8.77 -12.01
CA ASP A 110 9.80 -9.87 -12.83
C ASP A 110 9.11 -11.17 -12.38
N SER A 111 9.60 -12.30 -12.90
CA SER A 111 8.94 -13.58 -12.63
C SER A 111 8.96 -13.93 -11.15
N ASP A 112 10.00 -13.53 -10.43
CA ASP A 112 10.13 -13.86 -9.02
C ASP A 112 9.52 -12.80 -8.10
N GLY A 113 8.72 -11.88 -8.64
CA GLY A 113 8.11 -10.83 -7.87
C GLY A 113 9.00 -9.67 -7.54
N MET A 114 10.26 -9.67 -7.99
CA MET A 114 11.18 -8.59 -7.69
C MET A 114 10.88 -7.37 -8.54
N THR A 115 11.02 -6.19 -7.94
CA THR A 115 10.91 -4.91 -8.62
C THR A 115 12.26 -4.23 -8.62
N PRO A 116 12.42 -3.16 -9.40
CA PRO A 116 13.70 -2.46 -9.40
C PRO A 116 14.19 -2.08 -8.02
N LEU A 117 13.27 -1.67 -7.13
CA LEU A 117 13.68 -1.32 -5.78
C LEU A 117 14.23 -2.54 -5.03
N HIS A 118 13.61 -3.70 -5.21
CA HIS A 118 14.17 -4.93 -4.64
C HIS A 118 15.64 -5.08 -5.01
N LEU A 119 15.94 -5.01 -6.31
CA LEU A 119 17.31 -5.22 -6.79
C LEU A 119 18.27 -4.18 -6.23
N ALA A 120 17.89 -2.91 -6.31
CA ALA A 120 18.75 -1.86 -5.76
C ALA A 120 19.05 -2.10 -4.28
N ALA A 121 18.03 -2.45 -3.51
CA ALA A 121 18.22 -2.71 -2.08
C ALA A 121 19.04 -3.96 -1.85
N LYS A 122 18.93 -4.95 -2.72
CA LYS A 122 19.66 -6.19 -2.54
C LYS A 122 21.14 -6.00 -2.80
N TRP A 123 21.50 -5.22 -3.82
CA TRP A 123 22.88 -5.07 -4.24
C TRP A 123 23.57 -3.85 -3.64
N GLY A 124 22.86 -3.03 -2.88
CA GLY A 124 23.49 -1.96 -2.14
C GLY A 124 23.74 -0.70 -2.91
N TYR A 125 22.77 -0.26 -3.71
CA TYR A 125 22.91 0.94 -4.54
C TYR A 125 22.05 2.03 -3.89
N LEU A 126 22.64 2.74 -2.94
CA LEU A 126 21.89 3.71 -2.15
C LEU A 126 21.30 4.80 -3.04
N GLU A 127 22.12 5.41 -3.90
CA GLU A 127 21.65 6.50 -4.75
C GLU A 127 20.49 6.07 -5.62
N ILE A 128 20.53 4.83 -6.13
CA ILE A 128 19.42 4.37 -6.97
C ILE A 128 18.17 4.15 -6.13
N VAL A 129 18.32 3.69 -4.88
CA VAL A 129 17.17 3.56 -3.99
C VAL A 129 16.49 4.92 -3.83
N GLU A 130 17.27 5.94 -3.49
CA GLU A 130 16.70 7.27 -3.29
C GLU A 130 15.88 7.72 -4.49
N VAL A 131 16.39 7.47 -5.70
CA VAL A 131 15.71 7.95 -6.90
C VAL A 131 14.43 7.15 -7.16
N LEU A 132 14.47 5.84 -6.98
CA LEU A 132 13.27 5.04 -7.19
C LEU A 132 12.15 5.47 -6.23
N LEU A 133 12.51 5.83 -5.00
CA LEU A 133 11.52 6.35 -4.06
C LEU A 133 10.94 7.68 -4.54
N LYS A 134 11.81 8.63 -4.92
CA LYS A 134 11.32 9.92 -5.40
C LYS A 134 10.34 9.74 -6.55
N HIS A 135 10.47 8.68 -7.33
CA HIS A 135 9.59 8.43 -8.46
C HIS A 135 8.46 7.47 -8.14
N GLY A 136 8.19 7.21 -6.86
CA GLY A 136 7.02 6.46 -6.46
C GLY A 136 7.21 4.96 -6.41
N ALA A 137 8.40 4.48 -6.05
CA ALA A 137 8.61 3.05 -5.91
C ALA A 137 7.84 2.49 -4.73
N ALA A 138 7.21 1.33 -4.92
CA ALA A 138 6.42 0.70 -3.88
C ALA A 138 7.34 0.15 -2.80
N VAL A 139 7.24 0.71 -1.59
CA VAL A 139 8.16 0.33 -0.52
C VAL A 139 7.74 -1.00 0.12
N GLY A 140 6.45 -1.31 0.14
CA GLY A 140 5.99 -2.51 0.79
C GLY A 140 5.81 -3.72 -0.12
N ALA A 141 6.31 -3.66 -1.36
CA ALA A 141 6.14 -4.76 -2.28
C ALA A 141 6.85 -6.01 -1.77
N GLN A 142 6.22 -7.16 -1.96
CA GLN A 142 6.78 -8.44 -1.51
C GLN A 142 6.95 -9.37 -2.69
N ASP A 143 8.13 -9.96 -2.81
CA ASP A 143 8.45 -10.84 -3.93
C ASP A 143 7.85 -12.22 -3.70
N LYS A 144 8.16 -13.15 -4.60
CA LYS A 144 7.63 -14.51 -4.52
C LYS A 144 7.92 -15.15 -3.17
N PHE A 145 8.97 -14.70 -2.48
CA PHE A 145 9.36 -15.25 -1.20
C PHE A 145 8.92 -14.37 -0.03
N GLY A 146 7.96 -13.49 -0.24
CA GLY A 146 7.42 -12.65 0.82
C GLY A 146 8.39 -11.64 1.38
N LYS A 147 9.47 -11.34 0.66
CA LYS A 147 10.47 -10.39 1.13
C LYS A 147 10.28 -9.04 0.46
N THR A 148 10.50 -7.98 1.23
CA THR A 148 10.44 -6.61 0.77
C THR A 148 11.83 -6.09 0.49
N PRO A 149 11.95 -4.95 -0.21
CA PRO A 149 13.27 -4.35 -0.37
C PRO A 149 13.99 -4.12 0.95
N LYS A 150 13.27 -3.73 2.00
CA LYS A 150 13.92 -3.57 3.29
C LYS A 150 14.44 -4.90 3.83
N ASP A 151 13.67 -5.98 3.64
CA ASP A 151 14.15 -7.31 4.03
C ASP A 151 15.41 -7.69 3.28
N LEU A 152 15.49 -7.33 1.98
CA LEU A 152 16.66 -7.70 1.19
C LEU A 152 17.87 -6.86 1.56
N ALA A 153 17.67 -5.60 1.93
CA ALA A 153 18.78 -4.80 2.43
C ALA A 153 19.32 -5.38 3.72
N ARG A 154 18.43 -5.82 4.60
CA ARG A 154 18.85 -6.41 5.88
C ARG A 154 19.61 -7.71 5.67
N ASP A 155 19.07 -8.60 4.83
CA ASP A 155 19.72 -9.88 4.60
C ASP A 155 21.08 -9.72 3.91
N ASN A 156 21.25 -8.64 3.16
CA ASN A 156 22.50 -8.41 2.43
C ASN A 156 23.40 -7.41 3.12
N GLY A 157 23.09 -7.02 4.36
CA GLY A 157 23.98 -6.18 5.14
C GLY A 157 24.14 -4.77 4.59
N ASN A 158 23.08 -4.21 4.02
CA ASN A 158 23.09 -2.85 3.49
C ASN A 158 22.31 -1.98 4.47
N GLN A 159 23.02 -1.47 5.48
CA GLN A 159 22.36 -0.83 6.60
C GLN A 159 21.85 0.56 6.26
N TRP A 160 22.63 1.35 5.50
CA TRP A 160 22.18 2.68 5.14
C TRP A 160 20.86 2.61 4.39
N ILE A 161 20.73 1.66 3.47
CA ILE A 161 19.48 1.49 2.74
C ILE A 161 18.40 1.00 3.68
N TYR A 162 18.76 0.15 4.64
CA TYR A 162 17.78 -0.36 5.59
C TYR A 162 17.13 0.78 6.37
N GLU A 163 17.94 1.66 6.96
CA GLU A 163 17.40 2.80 7.67
C GLU A 163 16.60 3.70 6.73
N LEU A 164 17.12 3.93 5.53
CA LEU A 164 16.41 4.77 4.56
C LEU A 164 15.01 4.22 4.27
N LEU A 165 14.91 2.92 4.04
CA LEU A 165 13.61 2.32 3.72
C LEU A 165 12.71 2.25 4.95
N GLU A 166 13.29 2.03 6.13
CA GLU A 166 12.46 2.01 7.34
C GLU A 166 11.80 3.36 7.57
N LYS A 167 12.55 4.45 7.37
CA LYS A 167 11.96 5.78 7.50
C LYS A 167 10.90 6.03 6.44
N ALA A 168 11.05 5.44 5.26
CA ALA A 168 10.04 5.59 4.22
C ALA A 168 8.76 4.86 4.60
N GLU A 169 8.88 3.70 5.24
CA GLU A 169 7.70 3.00 5.73
C GLU A 169 7.00 3.81 6.80
N LYS A 170 7.76 4.40 7.72
CA LYS A 170 7.18 5.25 8.76
C LYS A 170 6.44 6.42 8.14
N ASP A 171 7.09 7.13 7.21
CA ASP A 171 6.42 8.24 6.54
C ASP A 171 5.16 7.77 5.81
N LEU A 172 5.22 6.57 5.23
CA LEU A 172 4.04 6.01 4.60
C LEU A 172 2.95 5.74 5.64
N ARG A 173 3.35 5.30 6.84
CA ARG A 173 2.36 4.99 7.87
C ARG A 173 1.61 6.25 8.30
N ARG A 174 2.29 7.40 8.34
CA ARG A 174 1.66 8.63 8.76
C ARG A 174 0.76 9.20 7.66
N LYS A 175 1.15 9.05 6.39
CA LYS A 175 0.32 9.54 5.30
C LYS A 175 -1.01 8.79 5.24
N LEU A 176 -0.97 7.47 5.43
CA LEU A 176 -2.20 6.69 5.42
C LEU A 176 -3.11 7.08 6.58
N LEU A 177 -2.54 7.58 7.67
CA LEU A 177 -3.34 8.06 8.79
C LEU A 177 -4.00 9.40 8.45
N GLU A 178 -3.26 10.30 7.81
CA GLU A 178 -3.83 11.58 7.41
C GLU A 178 -4.87 11.39 6.32
N ALA A 179 -4.56 10.57 5.31
CA ALA A 179 -5.51 10.34 4.23
C ALA A 179 -6.79 9.69 4.73
N ALA A 180 -6.72 8.96 5.83
CA ALA A 180 -7.93 8.43 6.47
C ALA A 180 -8.59 9.51 7.33
N ARG A 181 -7.80 10.23 8.13
CA ARG A 181 -8.34 11.33 8.93
C ARG A 181 -8.87 12.46 8.05
N ALA A 182 -8.40 12.55 6.81
CA ALA A 182 -8.84 13.60 5.89
C ALA A 182 -10.00 13.14 5.02
N GLY A 183 -9.94 11.92 4.51
CA GLY A 183 -11.03 11.37 3.71
C GLY A 183 -10.76 11.46 2.23
N HIS A 184 -9.77 10.70 1.74
CA HIS A 184 -9.41 10.68 0.33
C HIS A 184 -9.26 9.22 -0.09
N ARG A 185 -10.28 8.67 -0.74
CA ARG A 185 -10.24 7.26 -1.13
C ARG A 185 -9.07 6.99 -2.08
N GLU A 186 -9.09 7.61 -3.26
CA GLU A 186 -8.05 7.34 -4.25
C GLU A 186 -6.66 7.66 -3.69
N GLU A 187 -6.55 8.70 -2.85
CA GLU A 187 -5.27 9.02 -2.24
C GLU A 187 -4.85 7.92 -1.27
N VAL A 188 -5.80 7.28 -0.59
CA VAL A 188 -5.47 6.12 0.22
C VAL A 188 -5.16 4.93 -0.67
N GLU A 189 -5.91 4.79 -1.78
CA GLU A 189 -5.75 3.61 -2.63
C GLU A 189 -4.37 3.55 -3.28
N LYS A 190 -3.79 4.71 -3.61
CA LYS A 190 -2.44 4.71 -4.16
C LYS A 190 -1.42 4.27 -3.11
N LEU A 191 -1.67 4.58 -1.84
CA LEU A 191 -0.78 4.10 -0.78
C LEU A 191 -0.97 2.61 -0.54
N ILE A 192 -2.21 2.12 -0.66
CA ILE A 192 -2.46 0.69 -0.55
C ILE A 192 -1.67 -0.05 -1.64
N LYS A 193 -1.77 0.42 -2.88
CA LYS A 193 -1.02 -0.19 -3.97
C LYS A 193 0.48 0.04 -3.85
N LEU A 194 0.90 0.98 -3.00
CA LEU A 194 2.30 1.22 -2.74
C LEU A 194 2.88 0.32 -1.67
N GLY A 195 2.15 -0.72 -1.27
CA GLY A 195 2.61 -1.64 -0.26
C GLY A 195 2.28 -1.24 1.17
N ALA A 196 1.27 -0.41 1.36
CA ALA A 196 0.92 0.06 2.70
C ALA A 196 0.36 -1.07 3.54
N ASP A 197 0.68 -1.03 4.84
CA ASP A 197 0.17 -2.01 5.80
C ASP A 197 -1.06 -1.40 6.46
N VAL A 198 -2.23 -1.78 5.97
CA VAL A 198 -3.48 -1.21 6.48
C VAL A 198 -3.64 -1.48 7.97
N ASN A 199 -3.10 -2.60 8.44
CA ASN A 199 -3.18 -2.95 9.86
C ASN A 199 -2.11 -2.26 10.70
N ALA A 200 -1.36 -1.34 10.14
CA ALA A 200 -0.33 -0.64 10.89
C ALA A 200 -0.95 0.46 11.75
N ALA A 201 -0.47 0.59 12.98
CA ALA A 201 -0.96 1.57 13.93
C ALA A 201 0.17 2.49 14.36
N ASP A 202 -0.21 3.59 15.00
CA ASP A 202 0.75 4.58 15.49
C ASP A 202 1.11 4.25 16.93
N ASP A 203 1.68 5.21 17.66
CA ASP A 203 2.17 4.95 19.00
C ASP A 203 1.06 4.54 19.96
N VAL A 204 -0.17 4.97 19.70
CA VAL A 204 -1.27 4.70 20.62
C VAL A 204 -2.26 3.73 20.00
N GLY A 205 -1.76 2.86 19.12
CA GLY A 205 -2.57 1.80 18.56
C GLY A 205 -3.72 2.26 17.70
N VAL A 206 -3.66 3.46 17.13
CA VAL A 206 -4.72 3.97 16.27
C VAL A 206 -4.38 3.65 14.83
N THR A 207 -5.24 2.88 14.18
CA THR A 207 -5.08 2.48 12.79
C THR A 207 -5.83 3.41 11.87
N PRO A 208 -5.60 3.34 10.56
CA PRO A 208 -6.40 4.17 9.64
C PRO A 208 -7.89 3.84 9.70
N LEU A 209 -8.25 2.60 10.00
CA LEU A 209 -9.66 2.24 10.10
C LEU A 209 -10.33 2.95 11.28
N HIS A 210 -9.60 3.19 12.36
CA HIS A 210 -10.14 3.97 13.47
C HIS A 210 -10.52 5.37 13.01
N LEU A 211 -9.55 6.15 12.55
CA LEU A 211 -9.81 7.53 12.14
C LEU A 211 -10.81 7.61 11.02
N ALA A 212 -10.97 6.55 10.22
CA ALA A 212 -11.94 6.59 9.13
C ALA A 212 -13.36 6.42 9.67
N ALA A 213 -13.56 5.45 10.56
CA ALA A 213 -14.89 5.21 11.12
C ALA A 213 -15.32 6.32 12.07
N GLN A 214 -14.37 7.10 12.60
CA GLN A 214 -14.71 8.13 13.57
C GLN A 214 -15.18 9.42 12.90
N ARG A 215 -14.56 9.80 11.79
CA ARG A 215 -14.88 11.05 11.12
C ARG A 215 -15.94 10.91 10.04
N GLY A 216 -16.35 9.68 9.72
CA GLY A 216 -17.38 9.47 8.72
C GLY A 216 -16.92 9.61 7.29
N HIS A 217 -15.61 9.55 7.03
CA HIS A 217 -15.11 9.54 5.65
C HIS A 217 -15.30 8.12 5.12
N LEU A 218 -16.54 7.83 4.74
CA LEU A 218 -16.96 6.48 4.41
C LEU A 218 -16.31 6.00 3.11
N GLU A 219 -16.42 4.68 2.89
CA GLU A 219 -15.88 3.97 1.74
C GLU A 219 -14.40 3.64 1.93
N ILE A 220 -13.67 4.53 2.61
CA ILE A 220 -12.35 4.12 3.11
C ILE A 220 -12.51 2.92 4.02
N VAL A 221 -13.62 2.85 4.76
CA VAL A 221 -13.86 1.73 5.65
C VAL A 221 -13.96 0.43 4.86
N GLU A 222 -14.68 0.45 3.75
CA GLU A 222 -14.94 -0.79 3.00
C GLU A 222 -13.66 -1.31 2.35
N VAL A 223 -12.83 -0.43 1.79
CA VAL A 223 -11.64 -0.89 1.10
C VAL A 223 -10.68 -1.56 2.09
N LEU A 224 -10.47 -0.95 3.25
CA LEU A 224 -9.52 -1.49 4.21
C LEU A 224 -9.95 -2.86 4.69
N LEU A 225 -11.25 -3.06 4.90
CA LEU A 225 -11.74 -4.37 5.33
C LEU A 225 -11.57 -5.41 4.23
N LYS A 226 -11.77 -5.01 2.98
CA LYS A 226 -11.49 -5.92 1.86
C LYS A 226 -9.99 -6.13 1.66
N CYS A 227 -9.17 -5.23 2.18
CA CYS A 227 -7.72 -5.37 2.12
C CYS A 227 -7.17 -6.26 3.24
N GLY A 228 -7.98 -6.57 4.25
CA GLY A 228 -7.54 -7.37 5.37
C GLY A 228 -7.39 -6.60 6.67
N ALA A 229 -7.86 -5.37 6.75
CA ALA A 229 -7.76 -4.60 7.99
C ALA A 229 -8.54 -5.30 9.10
N ASP A 230 -7.86 -5.58 10.20
CA ASP A 230 -8.50 -6.24 11.34
C ASP A 230 -9.66 -5.39 11.83
N VAL A 231 -10.87 -5.95 11.76
CA VAL A 231 -12.05 -5.20 12.17
C VAL A 231 -12.02 -4.94 13.68
N ASN A 232 -11.48 -5.88 14.45
CA ASN A 232 -11.45 -5.77 15.91
C ASN A 232 -10.15 -5.14 16.42
N ALA A 233 -9.52 -4.28 15.63
CA ALA A 233 -8.30 -3.61 16.07
C ALA A 233 -8.62 -2.63 17.19
N ALA A 234 -8.00 -2.83 18.35
CA ALA A 234 -8.24 -2.00 19.52
C ALA A 234 -7.04 -1.09 19.78
N ASP A 235 -7.31 0.18 20.05
CA ASP A 235 -6.25 1.14 20.30
C ASP A 235 -5.90 1.13 21.79
N LEU A 236 -5.03 2.06 22.20
CA LEU A 236 -4.61 2.11 23.60
C LEU A 236 -5.79 2.05 24.55
N TRP A 237 -6.88 2.73 24.20
CA TRP A 237 -8.06 2.80 25.04
C TRP A 237 -9.03 1.65 24.82
N GLY A 238 -8.58 0.57 24.19
CA GLY A 238 -9.42 -0.58 23.93
C GLY A 238 -10.55 -0.33 22.96
N GLN A 239 -10.47 0.73 22.17
CA GLN A 239 -11.58 1.13 21.32
C GLN A 239 -11.49 0.42 19.97
N THR A 240 -12.48 -0.40 19.66
CA THR A 240 -12.65 -0.91 18.33
C THR A 240 -13.20 0.21 17.43
N PRO A 241 -12.88 0.21 16.14
CA PRO A 241 -13.49 1.22 15.25
C PRO A 241 -15.00 1.28 15.36
N LEU A 242 -15.65 0.17 15.73
CA LEU A 242 -17.10 0.18 15.94
C LEU A 242 -17.47 1.11 17.09
N HIS A 243 -16.62 1.20 18.11
CA HIS A 243 -16.88 2.15 19.21
C HIS A 243 -16.86 3.59 18.69
N LEU A 244 -15.80 3.97 17.97
CA LEU A 244 -15.68 5.36 17.54
C LEU A 244 -16.81 5.75 16.60
N ALA A 245 -17.34 4.80 15.83
CA ALA A 245 -18.43 5.11 14.92
C ALA A 245 -19.74 5.30 15.68
N ALA A 246 -19.95 4.52 16.75
CA ALA A 246 -21.19 4.64 17.52
C ALA A 246 -21.31 6.02 18.15
N THR A 247 -20.21 6.54 18.70
CA THR A 247 -20.25 7.84 19.36
C THR A 247 -20.56 8.96 18.36
N ALA A 248 -19.75 9.07 17.32
CA ALA A 248 -19.94 10.15 16.34
C ALA A 248 -21.28 10.03 15.62
N GLY A 249 -21.92 8.87 15.67
CA GLY A 249 -23.23 8.72 15.07
C GLY A 249 -23.19 8.58 13.57
N HIS A 250 -22.49 7.55 13.09
CA HIS A 250 -22.42 7.23 11.66
C HIS A 250 -23.00 5.83 11.47
N LEU A 251 -24.28 5.78 11.10
CA LEU A 251 -25.01 4.52 10.97
C LEU A 251 -24.31 3.54 10.04
N GLU A 252 -24.27 3.90 8.75
CA GLU A 252 -23.75 3.00 7.72
C GLU A 252 -22.48 2.25 8.15
N ILE A 253 -21.53 2.97 8.75
CA ILE A 253 -20.29 2.32 9.17
C ILE A 253 -20.58 1.20 10.16
N VAL A 254 -21.61 1.35 10.99
CA VAL A 254 -21.92 0.33 11.99
C VAL A 254 -22.22 -0.99 11.32
N GLU A 255 -23.05 -0.96 10.26
CA GLU A 255 -23.41 -2.19 9.57
C GLU A 255 -22.19 -2.84 8.94
N VAL A 256 -21.32 -2.05 8.29
CA VAL A 256 -20.19 -2.61 7.57
C VAL A 256 -19.28 -3.39 8.51
N LEU A 257 -18.99 -2.82 9.68
CA LEU A 257 -18.12 -3.51 10.63
C LEU A 257 -18.75 -4.79 11.14
N LEU A 258 -20.00 -4.70 11.62
CA LEU A 258 -20.73 -5.91 11.99
C LEU A 258 -20.89 -6.85 10.80
N LYS A 259 -20.96 -6.29 9.60
CA LYS A 259 -21.06 -7.10 8.38
C LYS A 259 -19.79 -7.89 8.11
N ASN A 260 -18.65 -7.48 8.69
CA ASN A 260 -17.38 -8.14 8.45
C ASN A 260 -16.80 -8.77 9.72
N GLY A 261 -17.68 -9.21 10.62
CA GLY A 261 -17.25 -9.97 11.78
C GLY A 261 -16.93 -9.15 13.02
N ALA A 262 -17.32 -7.87 13.05
CA ALA A 262 -17.08 -7.07 14.25
C ALA A 262 -17.85 -7.64 15.43
N ASP A 263 -17.30 -7.43 16.63
CA ASP A 263 -17.91 -7.94 17.85
C ASP A 263 -18.88 -6.92 18.41
N VAL A 264 -20.08 -7.37 18.76
CA VAL A 264 -21.07 -6.47 19.35
C VAL A 264 -20.77 -6.22 20.82
N ASN A 265 -20.16 -7.19 21.50
CA ASN A 265 -19.87 -7.06 22.93
C ASN A 265 -18.43 -6.66 23.20
N ALA A 266 -17.76 -6.05 22.21
CA ALA A 266 -16.40 -5.56 22.41
C ALA A 266 -16.37 -4.53 23.53
N ARG A 267 -15.55 -4.78 24.54
CA ARG A 267 -15.47 -3.92 25.71
C ARG A 267 -14.12 -3.20 25.73
N ASP A 268 -14.16 -1.87 25.77
CA ASP A 268 -12.94 -1.09 25.89
C ASP A 268 -12.38 -1.22 27.31
N ASN A 269 -11.30 -0.48 27.58
CA ASN A 269 -10.69 -0.53 28.91
C ASN A 269 -11.68 -0.13 29.99
N ILE A 270 -12.63 0.75 29.68
CA ILE A 270 -13.61 1.16 30.67
C ILE A 270 -14.72 0.13 30.82
N GLY A 271 -14.95 -0.71 29.82
CA GLY A 271 -15.98 -1.72 29.87
C GLY A 271 -17.18 -1.43 28.98
N HIS A 272 -17.17 -0.33 28.23
CA HIS A 272 -18.29 0.01 27.38
C HIS A 272 -18.25 -0.77 26.07
N THR A 273 -19.43 -1.07 25.56
CA THR A 273 -19.62 -1.67 24.24
C THR A 273 -20.26 -0.65 23.32
N PRO A 274 -20.27 -0.93 22.01
CA PRO A 274 -20.90 0.02 21.08
C PRO A 274 -22.31 0.41 21.49
N LEU A 275 -23.03 -0.48 22.19
CA LEU A 275 -24.38 -0.15 22.63
C LEU A 275 -24.34 0.91 23.72
N HIS A 276 -23.37 0.84 24.64
CA HIS A 276 -23.20 1.90 25.62
C HIS A 276 -22.98 3.24 24.93
N LEU A 277 -22.01 3.30 24.02
CA LEU A 277 -21.63 4.56 23.40
C LEU A 277 -22.77 5.14 22.56
N ALA A 278 -23.61 4.29 21.98
CA ALA A 278 -24.75 4.78 21.22
C ALA A 278 -25.88 5.25 22.12
N ALA A 279 -26.06 4.60 23.27
CA ALA A 279 -27.07 5.04 24.23
C ALA A 279 -26.62 6.25 25.02
N TRP A 280 -25.31 6.41 25.20
CA TRP A 280 -24.78 7.58 25.89
C TRP A 280 -24.95 8.84 25.03
N ALA A 281 -24.60 8.75 23.74
CA ALA A 281 -24.62 9.92 22.88
C ALA A 281 -26.04 10.36 22.58
N GLY A 282 -26.91 9.43 22.20
CA GLY A 282 -28.28 9.75 21.87
C GLY A 282 -28.61 9.47 20.42
N HIS A 283 -27.96 8.46 19.84
CA HIS A 283 -28.20 8.06 18.46
C HIS A 283 -29.09 6.82 18.49
N LEU A 284 -30.41 7.05 18.38
CA LEU A 284 -31.36 5.94 18.46
C LEU A 284 -31.11 4.93 17.35
N GLU A 285 -31.22 5.36 16.10
CA GLU A 285 -31.10 4.44 14.96
C GLU A 285 -29.87 3.54 15.08
N ILE A 286 -28.85 3.94 15.84
CA ILE A 286 -27.68 3.10 16.03
C ILE A 286 -28.05 1.86 16.83
N VAL A 287 -28.64 2.04 18.02
CA VAL A 287 -28.85 0.92 18.92
C VAL A 287 -29.75 -0.14 18.29
N GLU A 288 -30.68 0.28 17.43
CA GLU A 288 -31.53 -0.70 16.76
C GLU A 288 -30.70 -1.71 15.99
N VAL A 289 -29.70 -1.24 15.24
CA VAL A 289 -28.86 -2.15 14.48
C VAL A 289 -28.07 -3.06 15.41
N LEU A 290 -27.52 -2.50 16.49
CA LEU A 290 -26.75 -3.31 17.43
C LEU A 290 -27.61 -4.39 18.04
N LEU A 291 -28.80 -4.02 18.52
CA LEU A 291 -29.70 -5.01 19.12
C LEU A 291 -30.02 -6.14 18.16
N LYS A 292 -30.10 -5.84 16.85
CA LYS A 292 -30.37 -6.88 15.87
C LYS A 292 -29.28 -7.95 15.88
N HIS A 293 -28.04 -7.57 16.23
CA HIS A 293 -26.91 -8.49 16.22
C HIS A 293 -26.57 -8.98 17.63
N GLY A 294 -27.58 -9.38 18.40
CA GLY A 294 -27.34 -9.94 19.71
C GLY A 294 -26.54 -9.04 20.63
N ALA A 295 -26.59 -7.74 20.40
CA ALA A 295 -25.92 -6.80 21.30
C ALA A 295 -26.47 -6.96 22.71
N ASP A 296 -25.59 -7.32 23.64
CA ASP A 296 -26.01 -7.63 25.01
C ASP A 296 -26.44 -6.35 25.72
N VAL A 297 -27.74 -6.27 26.05
CA VAL A 297 -28.24 -5.15 26.83
C VAL A 297 -27.92 -5.28 28.31
N ASN A 298 -27.65 -6.49 28.78
CA ASN A 298 -27.33 -6.71 30.19
C ASN A 298 -25.87 -6.37 30.51
N ALA A 299 -25.01 -6.27 29.49
CA ALA A 299 -23.61 -5.96 29.72
C ALA A 299 -23.47 -4.64 30.46
N GLN A 300 -22.79 -4.68 31.61
CA GLN A 300 -22.53 -3.48 32.40
C GLN A 300 -21.03 -3.31 32.56
N ASP A 301 -20.58 -2.07 32.40
CA ASP A 301 -19.16 -1.75 32.47
C ASP A 301 -18.68 -1.88 33.91
N LYS A 302 -17.49 -1.34 34.20
CA LYS A 302 -16.95 -1.39 35.55
C LYS A 302 -17.65 -0.44 36.50
N PHE A 303 -18.32 0.59 35.98
CA PHE A 303 -19.14 1.47 36.82
C PHE A 303 -20.48 0.84 37.20
N GLY A 304 -20.72 -0.41 36.82
CA GLY A 304 -21.99 -1.04 37.08
C GLY A 304 -23.12 -0.52 36.23
N LYS A 305 -22.85 0.35 35.27
CA LYS A 305 -23.87 0.93 34.43
C LYS A 305 -24.11 0.06 33.21
N THR A 306 -25.36 -0.08 32.83
CA THR A 306 -25.78 -0.76 31.62
C THR A 306 -26.20 0.27 30.57
N PRO A 307 -26.27 -0.12 29.29
CA PRO A 307 -26.70 0.85 28.27
C PRO A 307 -28.02 1.52 28.59
N PHE A 308 -28.85 0.86 29.40
CA PHE A 308 -30.09 1.49 29.86
C PHE A 308 -29.80 2.58 30.88
N ASP A 309 -28.81 2.37 31.75
CA ASP A 309 -28.45 3.38 32.74
C ASP A 309 -27.92 4.64 32.08
N LEU A 310 -27.12 4.49 31.02
CA LEU A 310 -26.60 5.65 30.32
C LEU A 310 -27.68 6.32 29.49
N ALA A 311 -28.66 5.57 29.00
CA ALA A 311 -29.78 6.16 28.28
C ALA A 311 -30.62 7.04 29.20
N ILE A 312 -30.77 6.63 30.45
CA ILE A 312 -31.55 7.42 31.40
C ILE A 312 -30.69 8.49 32.08
N ASP A 313 -29.39 8.26 32.22
CA ASP A 313 -28.52 9.26 32.81
C ASP A 313 -28.44 10.51 31.93
N ASN A 314 -28.34 10.32 30.62
CA ASN A 314 -28.36 11.43 29.68
C ASN A 314 -29.77 11.83 29.27
N GLY A 315 -30.80 11.16 29.80
CA GLY A 315 -32.17 11.54 29.54
C GLY A 315 -32.65 11.28 28.13
N ASN A 316 -32.00 10.39 27.40
CA ASN A 316 -32.46 10.00 26.07
C ASN A 316 -33.56 8.96 26.24
N GLU A 317 -34.78 9.47 26.48
CA GLU A 317 -35.88 8.60 26.84
C GLU A 317 -36.21 7.61 25.73
N ASP A 318 -36.21 8.09 24.47
CA ASP A 318 -36.55 7.22 23.35
C ASP A 318 -35.64 5.99 23.31
N ILE A 319 -34.40 6.12 23.77
CA ILE A 319 -33.49 4.99 23.80
C ILE A 319 -33.84 4.05 24.94
N ALA A 320 -34.02 4.61 26.15
CA ALA A 320 -34.39 3.77 27.29
C ALA A 320 -35.66 2.97 27.00
N GLU A 321 -36.60 3.58 26.27
CA GLU A 321 -37.85 2.89 25.97
C GLU A 321 -37.60 1.64 25.12
N VAL A 322 -36.81 1.78 24.06
CA VAL A 322 -36.57 0.65 23.16
C VAL A 322 -35.65 -0.38 23.82
N LEU A 323 -34.75 0.05 24.70
CA LEU A 323 -33.89 -0.90 25.39
C LEU A 323 -34.69 -1.81 26.32
N GLN A 324 -35.79 -1.31 26.87
CA GLN A 324 -36.62 -2.15 27.75
C GLN A 324 -37.52 -3.07 26.96
N LYS A 325 -37.99 -2.65 25.79
CA LYS A 325 -38.78 -3.54 24.94
C LYS A 325 -37.98 -4.78 24.56
N ALA A 326 -36.66 -4.64 24.37
CA ALA A 326 -35.79 -5.75 24.06
C ALA A 326 -35.09 -6.31 25.30
N ALA A 327 -35.63 -6.05 26.49
CA ALA A 327 -35.06 -6.55 27.73
C ALA A 327 -36.15 -7.07 28.66
C1 MPD B . 27.40 -1.38 -43.55
C2 MPD B . 26.39 -1.48 -44.70
O2 MPD B . 25.14 -1.99 -44.17
CM MPD B . 26.10 -0.10 -45.32
C3 MPD B . 26.93 -2.42 -45.78
C4 MPD B . 26.93 -3.88 -45.32
O4 MPD B . 25.85 -4.55 -45.94
C5 MPD B . 28.22 -4.61 -45.66
H11 MPD B . 28.26 -2.00 -43.76
H12 MPD B . 26.93 -1.72 -42.63
H13 MPD B . 27.71 -0.34 -43.43
HO2 MPD B . 24.92 -2.84 -44.62
HM1 MPD B . 26.35 -0.12 -46.38
HM2 MPD B . 26.70 0.65 -44.82
HM3 MPD B . 25.04 0.13 -45.19
H31 MPD B . 26.32 -2.32 -46.67
H32 MPD B . 27.95 -2.12 -46.03
H4 MPD B . 26.80 -3.90 -44.24
HO4 MPD B . 26.03 -4.66 -46.89
H51 MPD B . 28.00 -5.47 -46.29
H52 MPD B . 28.70 -4.95 -44.74
H53 MPD B . 28.89 -3.93 -46.20
C1 MPD C . 12.86 8.59 2.84
C2 MPD C . 12.60 10.01 2.35
O2 MPD C . 11.38 10.00 1.57
CM MPD C . 12.38 10.98 3.52
C3 MPD C . 13.76 10.50 1.50
C4 MPD C . 13.82 9.84 0.13
O4 MPD C . 13.03 10.58 -0.77
C5 MPD C . 15.24 9.73 -0.42
H11 MPD C . 13.83 8.26 2.47
H12 MPD C . 12.08 7.93 2.48
H13 MPD C . 12.87 8.57 3.93
HO2 MPD C . 11.58 10.30 0.66
HM1 MPD C . 13.11 11.79 3.47
HM2 MPD C . 12.50 10.45 4.47
HM3 MPD C . 11.37 11.40 3.47
H31 MPD C . 13.69 11.58 1.36
H32 MPD C . 14.70 10.31 2.03
H4 MPD C . 13.42 8.82 0.22
HO4 MPD C . 13.43 11.47 -0.89
H51 MPD C . 15.29 10.27 -1.36
H52 MPD C . 15.50 8.69 -0.57
H53 MPD C . 15.93 10.19 0.29
#